data_5CEM
#
_entry.id   5CEM
#
_cell.length_a   81.384
_cell.length_b   81.384
_cell.length_c   85.883
_cell.angle_alpha   90.00
_cell.angle_beta   90.00
_cell.angle_gamma   120.00
#
_symmetry.space_group_name_H-M   'P 63'
#
loop_
_entity.id
_entity.type
_entity.pdbx_description
1 polymer 'Tribbles homolog 1'
2 non-polymer 'SULFATE ION'
3 water water
#
_entity_poly.entity_id   1
_entity_poly.type   'polypeptide(L)'
_entity_poly.pdbx_seq_one_letter_code
;GPGSAPGPSRIADYLLLPLAEREHVSRALCIHTGRELRCKVFPIKHYQDKIRPYIQLPSHSNITGIVEVILGETKAYVFF
EKDFGDMHSYVRSRKRLREEEAARLFKQIVSAVAHCHQSAIVLGDLKLRKFVFSTEERTQLRLESLEDTHIMKGEDDALS
DKHGCPAYVSPEILNTTGTYSGKAADVWSLGVMLYTLLVGRYPFHDSDPSALFSKIRRGQFCIPEHISPKARCLIRSLLR
REPSERLTAPEILLHPWFESVLEPGYIDSEIGTSDQIVPEYQEDSDISSFFS
;
_entity_poly.pdbx_strand_id   A
#
loop_
_chem_comp.id
_chem_comp.type
_chem_comp.name
_chem_comp.formula
SO4 non-polymer 'SULFATE ION' 'O4 S -2'
#
# COMPACT_ATOMS: atom_id res chain seq x y z
N PRO A 8 20.17 -15.28 -24.44
CA PRO A 8 20.30 -14.76 -23.07
C PRO A 8 19.91 -13.28 -22.94
N SER A 9 19.10 -12.94 -21.93
CA SER A 9 18.39 -11.66 -21.89
C SER A 9 19.18 -10.51 -21.21
N ARG A 10 19.61 -9.55 -22.02
CA ARG A 10 20.41 -8.43 -21.56
C ARG A 10 19.79 -7.08 -21.97
N ILE A 11 19.68 -6.16 -21.02
CA ILE A 11 18.98 -4.88 -21.22
C ILE A 11 19.85 -3.83 -20.52
N ALA A 12 20.30 -2.83 -21.28
CA ALA A 12 21.33 -1.90 -20.83
C ALA A 12 22.48 -2.73 -20.20
N ASP A 13 22.82 -2.52 -18.93
CA ASP A 13 23.91 -3.30 -18.29
C ASP A 13 23.40 -4.29 -17.25
N TYR A 14 22.21 -4.80 -17.47
CA TYR A 14 21.62 -5.79 -16.62
C TYR A 14 21.41 -7.09 -17.39
N LEU A 15 21.65 -8.22 -16.72
CA LEU A 15 21.19 -9.52 -17.19
C LEU A 15 19.86 -9.84 -16.50
N LEU A 16 18.86 -10.16 -17.32
CA LEU A 16 17.54 -10.58 -16.83
C LEU A 16 17.44 -12.10 -16.71
N LEU A 17 17.13 -12.61 -15.52
CA LEU A 17 16.98 -14.05 -15.30
C LEU A 17 15.59 -14.37 -14.80
N PRO A 18 15.02 -15.51 -15.26
CA PRO A 18 13.69 -15.90 -14.79
C PRO A 18 13.66 -16.04 -13.27
N LEU A 19 12.54 -15.61 -12.67
CA LEU A 19 12.36 -15.72 -11.25
C LEU A 19 11.48 -16.95 -10.99
N ALA A 20 11.57 -17.49 -9.78
CA ALA A 20 10.80 -18.68 -9.37
C ALA A 20 9.31 -18.57 -9.75
N GLU A 21 8.75 -17.36 -9.59
CA GLU A 21 7.36 -17.08 -9.92
C GLU A 21 7.22 -16.69 -11.40
N ARG A 22 7.85 -15.59 -11.77
CA ARG A 22 7.84 -15.11 -13.15
C ARG A 22 6.45 -14.71 -13.64
N GLU A 23 5.92 -13.61 -13.09
CA GLU A 23 4.64 -13.05 -13.55
C GLU A 23 4.93 -12.22 -14.80
N HIS A 24 5.37 -10.98 -14.60
CA HIS A 24 6.21 -10.30 -15.58
C HIS A 24 7.52 -9.82 -14.90
N VAL A 25 7.84 -10.42 -13.73
CA VAL A 25 8.99 -10.05 -12.88
C VAL A 25 10.20 -10.99 -13.09
N SER A 26 11.40 -10.42 -13.20
CA SER A 26 12.62 -11.21 -13.31
C SER A 26 13.74 -10.70 -12.38
N ARG A 27 14.78 -11.50 -12.25
CA ARG A 27 15.99 -11.08 -11.59
C ARG A 27 16.77 -10.21 -12.56
N ALA A 28 17.33 -9.11 -12.05
CA ALA A 28 18.15 -8.19 -12.83
C ALA A 28 19.51 -8.10 -12.15
N LEU A 29 20.52 -8.68 -12.77
CA LEU A 29 21.88 -8.67 -12.24
C LEU A 29 22.75 -7.69 -12.99
N CYS A 30 23.36 -6.75 -12.26
CA CYS A 30 24.28 -5.78 -12.86
CA CYS A 30 24.27 -5.77 -12.86
C CYS A 30 25.51 -6.49 -13.41
N ILE A 31 25.78 -6.36 -14.70
CA ILE A 31 26.93 -7.08 -15.29
C ILE A 31 28.31 -6.73 -14.67
N HIS A 32 28.44 -5.51 -14.14
CA HIS A 32 29.73 -5.00 -13.67
C HIS A 32 30.07 -5.47 -12.26
N THR A 33 29.06 -5.57 -11.42
CA THR A 33 29.23 -5.83 -10.00
C THR A 33 28.45 -7.03 -9.46
N GLY A 34 27.50 -7.59 -10.20
CA GLY A 34 26.62 -8.62 -9.62
C GLY A 34 25.52 -8.11 -8.69
N ARG A 35 25.38 -6.78 -8.54
CA ARG A 35 24.27 -6.17 -7.80
CA ARG A 35 24.26 -6.12 -7.85
C ARG A 35 22.95 -6.75 -8.31
N GLU A 36 22.09 -7.17 -7.38
CA GLU A 36 20.83 -7.83 -7.73
C GLU A 36 19.62 -6.96 -7.45
N LEU A 37 18.88 -6.66 -8.51
CA LEU A 37 17.63 -5.93 -8.43
C LEU A 37 16.50 -6.86 -8.94
N ARG A 38 15.31 -6.29 -9.10
CA ARG A 38 14.19 -6.96 -9.77
C ARG A 38 13.80 -6.10 -10.97
N CYS A 39 13.22 -6.74 -11.98
CA CYS A 39 12.71 -6.01 -13.14
C CYS A 39 11.32 -6.51 -13.49
N LYS A 40 10.39 -5.58 -13.73
CA LYS A 40 9.10 -5.93 -14.29
C LYS A 40 8.89 -5.10 -15.55
N VAL A 41 8.43 -5.76 -16.61
CA VAL A 41 8.21 -5.12 -17.88
C VAL A 41 6.74 -4.78 -18.03
N PHE A 42 6.47 -3.62 -18.61
CA PHE A 42 5.12 -3.15 -18.91
C PHE A 42 5.08 -2.55 -20.32
N PRO A 43 3.92 -2.62 -20.99
CA PRO A 43 3.76 -1.70 -22.13
C PRO A 43 3.98 -0.26 -21.66
N ILE A 44 4.62 0.58 -22.47
CA ILE A 44 4.93 1.96 -22.04
C ILE A 44 3.65 2.74 -21.73
N LYS A 45 2.63 2.61 -22.58
CA LYS A 45 1.34 3.30 -22.33
C LYS A 45 0.87 3.03 -20.90
N HIS A 46 0.87 1.74 -20.51
CA HIS A 46 0.45 1.35 -19.16
C HIS A 46 1.39 1.94 -18.08
N TYR A 47 2.70 1.93 -18.37
CA TYR A 47 3.69 2.52 -17.47
C TYR A 47 3.42 4.03 -17.25
N GLN A 48 3.22 4.75 -18.33
CA GLN A 48 2.92 6.18 -18.28
C GLN A 48 1.67 6.51 -17.50
N ASP A 49 0.61 5.73 -17.74
CA ASP A 49 -0.68 5.98 -17.10
C ASP A 49 -0.72 5.57 -15.65
N LYS A 50 -0.16 4.40 -15.32
CA LYS A 50 -0.35 3.80 -13.98
C LYS A 50 0.84 3.76 -13.05
N ILE A 51 2.06 3.78 -13.58
CA ILE A 51 3.26 3.63 -12.75
C ILE A 51 4.02 4.96 -12.62
N ARG A 52 4.24 5.62 -13.75
CA ARG A 52 5.04 6.85 -13.81
C ARG A 52 4.61 7.95 -12.81
N PRO A 53 3.29 8.22 -12.68
CA PRO A 53 2.86 9.22 -11.66
C PRO A 53 3.48 9.04 -10.27
N TYR A 54 3.57 7.81 -9.79
CA TYR A 54 4.18 7.49 -8.49
C TYR A 54 5.67 7.87 -8.39
N ILE A 55 6.39 7.73 -9.49
CA ILE A 55 7.80 8.08 -9.61
C ILE A 55 8.04 9.59 -9.56
N GLN A 56 7.14 10.36 -10.19
CA GLN A 56 7.32 11.79 -10.38
C GLN A 56 6.73 12.69 -9.28
N LEU A 57 6.40 12.13 -8.12
CA LEU A 57 6.01 12.94 -6.97
C LEU A 57 7.23 13.65 -6.38
N PRO A 58 7.07 14.91 -5.90
CA PRO A 58 8.06 15.48 -4.98
C PRO A 58 7.99 14.82 -3.59
N SER A 59 9.10 14.86 -2.85
CA SER A 59 9.16 14.28 -1.50
C SER A 59 10.02 15.12 -0.55
N ASN A 62 11.87 8.43 -1.73
CA ASN A 62 11.29 7.49 -2.68
C ASN A 62 10.27 6.59 -1.97
N ILE A 63 8.98 6.84 -2.22
CA ILE A 63 7.89 6.03 -1.64
C ILE A 63 7.77 4.65 -2.30
N THR A 64 8.32 4.49 -3.51
CA THR A 64 8.51 3.20 -4.14
C THR A 64 9.98 2.82 -3.90
N GLY A 65 10.38 1.68 -4.42
CA GLY A 65 11.78 1.25 -4.36
C GLY A 65 12.32 1.11 -5.76
N ILE A 66 11.81 1.95 -6.66
CA ILE A 66 12.23 1.93 -8.05
C ILE A 66 13.56 2.65 -8.16
N VAL A 67 14.52 2.00 -8.80
CA VAL A 67 15.86 2.51 -9.00
C VAL A 67 15.93 3.31 -10.32
N GLU A 68 15.46 2.71 -11.41
CA GLU A 68 15.43 3.32 -12.73
C GLU A 68 14.48 2.59 -13.68
N VAL A 69 14.16 3.26 -14.77
CA VAL A 69 13.29 2.72 -15.80
C VAL A 69 13.99 2.86 -17.12
N ILE A 70 14.03 1.77 -17.88
CA ILE A 70 14.62 1.76 -19.22
C ILE A 70 13.45 1.65 -20.19
N LEU A 71 13.37 2.61 -21.12
CA LEU A 71 12.26 2.73 -22.04
C LEU A 71 12.70 2.29 -23.39
N GLY A 72 12.19 1.13 -23.82
CA GLY A 72 12.47 0.63 -25.16
C GLY A 72 11.55 1.21 -26.21
N GLU A 73 11.57 0.54 -27.35
CA GLU A 73 10.60 0.69 -28.45
C GLU A 73 9.14 0.88 -28.00
N THR A 74 8.61 -0.14 -27.33
CA THR A 74 7.22 -0.22 -26.93
C THR A 74 7.02 -0.54 -25.43
N LYS A 75 8.07 -1.02 -24.76
CA LYS A 75 8.01 -1.55 -23.40
C LYS A 75 8.91 -0.79 -22.42
N ALA A 76 8.45 -0.72 -21.17
CA ALA A 76 9.17 -0.12 -20.05
C ALA A 76 9.67 -1.21 -19.14
N TYR A 77 10.97 -1.17 -18.83
CA TYR A 77 11.62 -2.12 -17.95
C TYR A 77 11.88 -1.36 -16.67
N VAL A 78 11.16 -1.72 -15.61
CA VAL A 78 11.21 -1.02 -14.34
C VAL A 78 12.07 -1.85 -13.40
N PHE A 79 13.21 -1.27 -13.03
CA PHE A 79 14.16 -1.90 -12.12
C PHE A 79 13.92 -1.43 -10.71
N PHE A 80 13.72 -2.38 -9.80
CA PHE A 80 13.41 -2.04 -8.41
C PHE A 80 14.12 -2.95 -7.43
N GLU A 81 14.20 -2.48 -6.20
CA GLU A 81 14.90 -3.16 -5.14
C GLU A 81 14.04 -4.31 -4.63
N LYS A 82 14.69 -5.42 -4.28
CA LYS A 82 14.05 -6.49 -3.52
C LYS A 82 13.49 -5.90 -2.25
N ASP A 83 12.34 -6.38 -1.83
CA ASP A 83 11.77 -5.94 -0.56
C ASP A 83 11.99 -7.01 0.52
N PHE A 84 11.68 -6.66 1.77
CA PHE A 84 11.86 -7.59 2.88
C PHE A 84 10.53 -8.03 3.52
N GLY A 85 9.48 -8.16 2.71
CA GLY A 85 8.18 -8.64 3.15
C GLY A 85 7.13 -7.55 3.22
N ASP A 86 5.87 -7.96 3.26
CA ASP A 86 4.74 -7.03 3.26
C ASP A 86 4.08 -6.92 4.63
N MET A 87 3.23 -5.90 4.79
CA MET A 87 2.61 -5.60 6.08
C MET A 87 1.51 -6.60 6.48
N HIS A 88 0.88 -7.27 5.51
CA HIS A 88 -0.05 -8.36 5.81
C HIS A 88 0.64 -9.54 6.53
N SER A 89 1.75 -10.00 5.95
CA SER A 89 2.58 -11.05 6.56
C SER A 89 3.16 -10.61 7.92
N TYR A 90 3.60 -9.36 8.00
CA TYR A 90 4.16 -8.83 9.25
C TYR A 90 3.14 -8.84 10.40
N VAL A 91 1.94 -8.34 10.13
CA VAL A 91 0.84 -8.35 11.14
C VAL A 91 0.51 -9.76 11.51
N ARG A 92 0.36 -10.62 10.49
CA ARG A 92 0.08 -12.03 10.75
C ARG A 92 1.12 -12.65 11.68
N SER A 93 2.40 -12.40 11.44
CA SER A 93 3.46 -13.01 12.25
C SER A 93 3.58 -12.38 13.64
N ARG A 94 3.30 -11.08 13.76
CA ARG A 94 3.28 -10.40 15.07
C ARG A 94 1.96 -10.58 15.81
N LYS A 95 0.91 -10.99 15.10
CA LYS A 95 -0.47 -11.10 15.60
C LYS A 95 -1.10 -9.69 15.60
N ARG A 96 -0.55 -8.78 16.36
CA ARG A 96 -0.95 -7.36 16.27
C ARG A 96 0.21 -6.52 16.74
N LEU A 97 0.19 -5.24 16.39
CA LEU A 97 1.28 -4.33 16.74
C LEU A 97 0.93 -3.51 17.96
N ARG A 98 1.97 -3.19 18.74
CA ARG A 98 1.87 -2.25 19.84
C ARG A 98 1.71 -0.88 19.23
N GLU A 99 1.09 0.02 19.97
CA GLU A 99 0.74 1.36 19.45
C GLU A 99 1.92 2.15 18.94
N GLU A 100 3.07 2.02 19.59
CA GLU A 100 4.22 2.80 19.20
C GLU A 100 4.67 2.35 17.81
N GLU A 101 4.82 1.04 17.60
CA GLU A 101 5.18 0.54 16.28
C GLU A 101 4.08 0.83 15.26
N ALA A 102 2.83 0.58 15.66
CA ALA A 102 1.69 0.80 14.76
C ALA A 102 1.68 2.24 14.25
N ALA A 103 1.91 3.20 15.17
CA ALA A 103 1.99 4.64 14.84
C ALA A 103 3.14 5.00 13.90
N ARG A 104 4.36 4.52 14.19
CA ARG A 104 5.52 4.74 13.30
C ARG A 104 5.24 4.28 11.87
N LEU A 105 4.75 3.06 11.77
CA LEU A 105 4.54 2.44 10.47
C LEU A 105 3.34 3.03 9.77
N PHE A 106 2.26 3.24 10.50
CA PHE A 106 1.09 3.83 9.90
C PHE A 106 1.33 5.24 9.39
N LYS A 107 2.14 6.02 10.11
CA LYS A 107 2.52 7.36 9.62
C LYS A 107 3.25 7.29 8.26
N GLN A 108 4.10 6.28 8.06
CA GLN A 108 4.78 6.10 6.75
C GLN A 108 3.76 5.77 5.67
N ILE A 109 2.83 4.87 5.99
CA ILE A 109 1.72 4.51 5.09
C ILE A 109 0.90 5.75 4.70
N VAL A 110 0.49 6.52 5.70
CA VAL A 110 -0.34 7.69 5.48
C VAL A 110 0.43 8.77 4.70
N SER A 111 1.69 8.99 5.04
CA SER A 111 2.51 9.97 4.31
C SER A 111 2.60 9.63 2.81
N ALA A 112 2.77 8.35 2.49
CA ALA A 112 2.73 7.87 1.12
C ALA A 112 1.43 8.22 0.42
N VAL A 113 0.30 7.94 1.08
CA VAL A 113 -0.99 8.18 0.49
C VAL A 113 -1.27 9.68 0.36
N ALA A 114 -0.87 10.48 1.33
CA ALA A 114 -1.06 11.92 1.27
C ALA A 114 -0.34 12.49 0.07
N HIS A 115 0.92 12.07 -0.11
CA HIS A 115 1.69 12.50 -1.26
C HIS A 115 0.95 12.19 -2.55
N CYS A 116 0.47 10.95 -2.68
CA CYS A 116 -0.29 10.54 -3.86
C CYS A 116 -1.50 11.42 -4.08
N HIS A 117 -2.32 11.59 -3.03
CA HIS A 117 -3.54 12.35 -3.16
C HIS A 117 -3.29 13.80 -3.54
N GLN A 118 -2.18 14.37 -3.09
CA GLN A 118 -1.86 15.75 -3.37
C GLN A 118 -1.41 15.98 -4.81
N SER A 119 -1.07 14.92 -5.53
CA SER A 119 -0.85 14.96 -6.97
C SER A 119 -1.99 14.29 -7.72
N ALA A 120 -3.18 14.23 -7.12
CA ALA A 120 -4.37 13.69 -7.79
C ALA A 120 -4.24 12.20 -8.16
N ILE A 121 -3.51 11.43 -7.35
CA ILE A 121 -3.38 9.98 -7.54
C ILE A 121 -4.21 9.26 -6.49
N VAL A 122 -5.30 8.65 -6.93
CA VAL A 122 -6.09 7.73 -6.13
C VAL A 122 -5.47 6.35 -6.28
N LEU A 123 -5.27 5.65 -5.17
CA LEU A 123 -4.70 4.30 -5.22
C LEU A 123 -5.79 3.29 -5.54
N GLY A 124 -6.87 3.28 -4.76
CA GLY A 124 -8.02 2.40 -5.01
C GLY A 124 -7.88 0.95 -4.60
N ASP A 125 -6.64 0.51 -4.31
CA ASP A 125 -6.32 -0.87 -3.95
C ASP A 125 -5.51 -0.91 -2.65
N LEU A 126 -5.72 0.05 -1.75
CA LEU A 126 -4.97 0.09 -0.49
C LEU A 126 -5.30 -1.08 0.44
N LYS A 127 -4.25 -1.70 0.97
CA LYS A 127 -4.35 -2.89 1.83
C LYS A 127 -3.01 -3.00 2.49
N LEU A 128 -2.90 -3.80 3.54
CA LEU A 128 -1.61 -4.04 4.20
C LEU A 128 -0.59 -4.63 3.24
N ARG A 129 -1.01 -5.49 2.33
CA ARG A 129 -0.06 -6.10 1.38
C ARG A 129 0.46 -5.12 0.31
N LYS A 130 -0.11 -3.94 0.25
CA LYS A 130 0.37 -2.89 -0.64
C LYS A 130 1.63 -2.18 -0.09
N PHE A 131 2.06 -2.52 1.14
CA PHE A 131 3.25 -1.92 1.75
C PHE A 131 4.27 -2.94 2.16
N VAL A 132 5.52 -2.65 1.81
CA VAL A 132 6.61 -3.61 1.95
C VAL A 132 7.82 -2.93 2.56
N PHE A 133 8.59 -3.71 3.30
CA PHE A 133 9.78 -3.20 3.95
C PHE A 133 10.94 -3.05 2.98
N SER A 134 11.63 -1.94 3.12
CA SER A 134 12.72 -1.55 2.25
C SER A 134 14.03 -2.18 2.67
N THR A 135 14.16 -2.58 3.93
CA THR A 135 15.40 -3.13 4.45
C THR A 135 15.11 -4.29 5.37
N GLU A 136 16.16 -5.04 5.69
CA GLU A 136 16.06 -6.20 6.56
C GLU A 136 15.69 -5.83 8.01
N GLU A 137 16.08 -4.63 8.43
CA GLU A 137 15.63 -4.02 9.68
C GLU A 137 14.10 -4.01 9.84
N ARG A 138 13.37 -3.87 8.72
CA ARG A 138 11.91 -3.81 8.72
C ARG A 138 11.40 -2.68 9.65
N THR A 139 11.94 -1.49 9.43
CA THR A 139 11.51 -0.26 10.09
C THR A 139 11.01 0.79 9.11
N GLN A 140 11.10 0.54 7.79
CA GLN A 140 10.76 1.57 6.81
C GLN A 140 9.98 0.91 5.69
N LEU A 141 8.79 1.45 5.43
CA LEU A 141 7.91 0.88 4.41
C LEU A 141 7.96 1.68 3.13
N ARG A 142 7.62 0.99 2.04
CA ARG A 142 7.45 1.64 0.75
CA ARG A 142 7.47 1.62 0.73
C ARG A 142 6.18 1.13 0.09
N LEU A 143 5.64 1.94 -0.80
CA LEU A 143 4.47 1.59 -1.56
C LEU A 143 4.82 0.56 -2.62
N GLU A 144 4.01 -0.49 -2.69
CA GLU A 144 4.15 -1.47 -3.76
C GLU A 144 3.35 -0.90 -4.90
N SER A 145 4.02 -0.35 -5.90
CA SER A 145 3.34 0.37 -6.97
C SER A 145 3.37 -0.34 -8.31
N LEU A 146 3.91 -1.56 -8.36
CA LEU A 146 4.13 -2.24 -9.64
C LEU A 146 3.14 -3.34 -9.91
N GLU A 147 2.04 -3.34 -9.15
CA GLU A 147 0.92 -4.26 -9.34
C GLU A 147 1.48 -5.64 -9.16
N ASP A 148 2.14 -5.82 -8.04
CA ASP A 148 2.99 -6.97 -7.79
C ASP A 148 2.84 -7.35 -6.30
N ALA A 158 -6.21 -15.23 6.99
CA ALA A 158 -5.70 -15.24 8.36
C ALA A 158 -6.40 -14.21 9.27
N LEU A 159 -6.60 -13.00 8.75
CA LEU A 159 -7.06 -11.86 9.55
C LEU A 159 -8.60 -11.67 9.60
N SER A 160 -9.36 -12.61 9.03
CA SER A 160 -10.83 -12.61 9.12
C SER A 160 -11.32 -13.93 9.69
N ASP A 161 -12.63 -14.03 9.95
CA ASP A 161 -13.26 -15.29 10.38
C ASP A 161 -12.97 -16.48 9.45
N LYS A 162 -13.00 -16.24 8.13
CA LYS A 162 -12.57 -17.25 7.13
C LYS A 162 -11.85 -16.56 5.98
N HIS A 163 -11.23 -17.37 5.12
CA HIS A 163 -10.56 -16.88 3.90
C HIS A 163 -11.50 -16.11 2.97
N GLY A 164 -10.95 -15.14 2.24
CA GLY A 164 -11.70 -14.36 1.25
C GLY A 164 -12.79 -13.48 1.86
N CYS A 165 -12.44 -12.75 2.90
CA CYS A 165 -13.29 -11.67 3.41
C CYS A 165 -13.02 -10.46 2.54
N PRO A 166 -14.07 -9.90 1.91
CA PRO A 166 -13.89 -8.61 1.24
C PRO A 166 -13.82 -7.47 2.27
N ALA A 167 -12.69 -7.40 2.99
CA ALA A 167 -12.53 -6.51 4.14
C ALA A 167 -12.40 -5.03 3.79
N TYR A 168 -12.12 -4.73 2.53
CA TYR A 168 -11.95 -3.34 2.05
C TYR A 168 -13.14 -2.75 1.30
N VAL A 169 -14.24 -3.51 1.25
CA VAL A 169 -15.51 -3.00 0.78
C VAL A 169 -15.97 -1.81 1.64
N SER A 170 -16.20 -0.67 1.00
CA SER A 170 -16.63 0.53 1.69
C SER A 170 -18.16 0.69 1.60
N PRO A 171 -18.75 1.50 2.48
CA PRO A 171 -20.19 1.81 2.37
C PRO A 171 -20.59 2.41 1.02
N GLU A 172 -19.73 3.27 0.45
CA GLU A 172 -19.96 3.89 -0.86
C GLU A 172 -20.22 2.85 -1.92
N ILE A 173 -19.39 1.82 -1.95
CA ILE A 173 -19.46 0.81 -3.00
C ILE A 173 -20.69 -0.10 -2.85
N LEU A 174 -21.30 -0.14 -1.66
CA LEU A 174 -22.58 -0.81 -1.40
C LEU A 174 -23.80 0.07 -1.60
N ASN A 175 -23.66 1.37 -1.33
CA ASN A 175 -24.76 2.32 -1.45
C ASN A 175 -24.48 3.16 -2.72
N THR A 176 -24.71 4.47 -2.68
CA THR A 176 -24.51 5.37 -3.84
C THR A 176 -25.04 4.72 -5.16
N THR A 177 -24.32 4.85 -6.27
CA THR A 177 -24.67 4.19 -7.52
C THR A 177 -23.42 3.88 -8.36
N GLY A 178 -22.32 3.53 -7.67
CA GLY A 178 -21.02 3.33 -8.31
C GLY A 178 -20.09 4.54 -8.31
N THR A 179 -20.67 5.75 -8.41
CA THR A 179 -19.89 7.01 -8.39
C THR A 179 -19.62 7.54 -6.96
N TYR A 180 -18.35 7.73 -6.63
CA TYR A 180 -17.95 8.23 -5.30
C TYR A 180 -16.54 8.82 -5.35
N SER A 181 -16.13 9.45 -4.25
CA SER A 181 -14.79 10.05 -4.11
C SER A 181 -13.72 8.97 -3.94
N GLY A 182 -12.78 8.93 -4.90
CA GLY A 182 -11.63 8.04 -4.83
C GLY A 182 -10.79 8.27 -3.58
N LYS A 183 -10.53 9.53 -3.26
CA LYS A 183 -9.65 9.89 -2.13
C LYS A 183 -10.24 9.47 -0.81
N ALA A 184 -11.51 9.79 -0.60
CA ALA A 184 -12.24 9.38 0.59
C ALA A 184 -12.35 7.85 0.73
N ALA A 185 -12.45 7.12 -0.41
CA ALA A 185 -12.46 5.64 -0.37
C ALA A 185 -11.12 5.08 0.07
N ASP A 186 -10.03 5.67 -0.41
CA ASP A 186 -8.68 5.32 0.09
C ASP A 186 -8.61 5.54 1.61
N VAL A 187 -9.19 6.63 2.10
CA VAL A 187 -9.13 6.90 3.54
C VAL A 187 -9.88 5.82 4.35
N TRP A 188 -11.01 5.35 3.84
CA TRP A 188 -11.70 4.22 4.47
C TRP A 188 -10.72 3.05 4.60
N SER A 189 -9.99 2.78 3.51
CA SER A 189 -9.00 1.69 3.51
C SER A 189 -7.90 1.92 4.55
N LEU A 190 -7.43 3.16 4.71
CA LEU A 190 -6.49 3.50 5.79
C LEU A 190 -7.07 3.17 7.18
N GLY A 191 -8.36 3.45 7.36
CA GLY A 191 -9.06 3.05 8.60
C GLY A 191 -9.05 1.56 8.87
N VAL A 192 -9.36 0.78 7.84
CA VAL A 192 -9.36 -0.70 7.94
C VAL A 192 -7.95 -1.15 8.30
N MET A 193 -6.95 -0.58 7.62
CA MET A 193 -5.54 -0.93 7.87
C MET A 193 -5.13 -0.61 9.31
N LEU A 194 -5.43 0.59 9.77
CA LEU A 194 -5.09 1.02 11.14
C LEU A 194 -5.70 0.10 12.18
N TYR A 195 -6.98 -0.14 12.05
CA TYR A 195 -7.67 -1.07 12.96
C TYR A 195 -6.95 -2.40 12.98
N THR A 196 -6.72 -2.95 11.79
CA THR A 196 -6.10 -4.26 11.65
C THR A 196 -4.66 -4.31 12.23
N LEU A 197 -3.87 -3.26 12.03
CA LEU A 197 -2.54 -3.18 12.68
C LEU A 197 -2.61 -3.33 14.19
N LEU A 198 -3.57 -2.64 14.81
CA LEU A 198 -3.71 -2.60 16.26
C LEU A 198 -4.42 -3.80 16.86
N VAL A 199 -5.40 -4.36 16.13
CA VAL A 199 -6.24 -5.42 16.67
C VAL A 199 -5.83 -6.79 16.16
N GLY A 200 -5.32 -6.87 14.92
CA GLY A 200 -4.92 -8.13 14.32
C GLY A 200 -6.04 -8.90 13.62
N ARG A 201 -7.22 -8.28 13.54
CA ARG A 201 -8.34 -8.75 12.75
C ARG A 201 -8.88 -7.52 12.04
N TYR A 202 -9.53 -7.71 10.90
CA TYR A 202 -10.22 -6.60 10.21
C TYR A 202 -11.42 -6.15 11.06
N PRO A 203 -11.77 -4.85 11.01
CA PRO A 203 -12.96 -4.38 11.75
C PRO A 203 -14.27 -5.03 11.26
N PHE A 204 -14.38 -5.30 9.97
CA PHE A 204 -15.54 -6.04 9.45
C PHE A 204 -14.98 -7.35 8.92
N HIS A 205 -15.32 -8.42 9.62
CA HIS A 205 -14.68 -9.72 9.43
C HIS A 205 -15.65 -10.90 9.39
N ASP A 206 -16.97 -10.68 9.32
CA ASP A 206 -17.94 -11.81 9.21
C ASP A 206 -17.61 -12.64 7.97
N SER A 207 -17.76 -13.95 8.06
CA SER A 207 -17.57 -14.83 6.88
C SER A 207 -18.87 -14.91 6.06
N ASP A 208 -19.99 -14.67 6.72
CA ASP A 208 -21.29 -14.54 6.07
C ASP A 208 -21.35 -13.16 5.40
N PRO A 209 -21.37 -13.09 4.05
CA PRO A 209 -21.40 -11.78 3.35
C PRO A 209 -22.65 -10.90 3.65
N SER A 210 -23.79 -11.50 3.95
CA SER A 210 -25.00 -10.76 4.35
C SER A 210 -24.78 -9.90 5.61
N ALA A 211 -24.15 -10.51 6.59
CA ALA A 211 -23.82 -9.88 7.84
C ALA A 211 -22.72 -8.88 7.62
N LEU A 212 -21.71 -9.24 6.82
CA LEU A 212 -20.62 -8.33 6.54
C LEU A 212 -21.09 -7.02 5.91
N PHE A 213 -21.83 -7.16 4.82
CA PHE A 213 -22.38 -6.01 4.10
C PHE A 213 -23.31 -5.18 4.99
N SER A 214 -24.12 -5.83 5.84
CA SER A 214 -24.99 -5.11 6.79
C SER A 214 -24.17 -4.29 7.78
N LYS A 215 -23.13 -4.88 8.32
CA LYS A 215 -22.29 -4.18 9.26
C LYS A 215 -21.48 -3.01 8.64
N ILE A 216 -20.98 -3.21 7.43
CA ILE A 216 -20.32 -2.12 6.69
C ILE A 216 -21.27 -0.96 6.37
N ARG A 217 -22.44 -1.25 5.78
CA ARG A 217 -23.41 -0.20 5.46
C ARG A 217 -23.77 0.63 6.71
N ARG A 218 -23.88 -0.03 7.85
CA ARG A 218 -24.32 0.61 9.08
C ARG A 218 -23.16 1.04 9.96
N GLY A 219 -21.93 0.83 9.52
CA GLY A 219 -20.75 1.24 10.27
C GLY A 219 -20.59 0.58 11.62
N GLN A 220 -21.05 -0.66 11.75
CA GLN A 220 -21.02 -1.38 13.03
C GLN A 220 -19.73 -2.21 13.17
N PHE A 221 -18.87 -1.78 14.08
CA PHE A 221 -17.67 -2.51 14.44
C PHE A 221 -17.29 -2.14 15.87
N CYS A 222 -16.44 -2.94 16.49
CA CYS A 222 -16.08 -2.77 17.90
C CYS A 222 -14.56 -2.60 18.02
N ILE A 223 -14.12 -1.54 18.71
CA ILE A 223 -12.72 -1.30 18.96
C ILE A 223 -12.47 -1.78 20.39
N PRO A 224 -11.55 -2.75 20.58
CA PRO A 224 -11.27 -3.21 21.95
C PRO A 224 -10.94 -2.05 22.91
N GLU A 225 -11.45 -2.18 24.14
CA GLU A 225 -11.33 -1.22 25.26
C GLU A 225 -9.93 -0.65 25.53
N HIS A 226 -8.92 -1.50 25.36
CA HIS A 226 -7.56 -1.16 25.74
C HIS A 226 -6.84 -0.28 24.72
N ILE A 227 -7.40 -0.12 23.53
CA ILE A 227 -6.86 0.80 22.53
C ILE A 227 -7.02 2.24 23.09
N SER A 228 -5.94 3.02 23.03
CA SER A 228 -5.90 4.36 23.61
C SER A 228 -7.00 5.27 23.05
N PRO A 229 -7.48 6.25 23.84
CA PRO A 229 -8.49 7.17 23.32
C PRO A 229 -8.10 7.90 22.02
N LYS A 230 -6.83 8.27 21.86
CA LYS A 230 -6.42 8.95 20.62
C LYS A 230 -6.46 8.02 19.41
N ALA A 231 -6.05 6.76 19.60
CA ALA A 231 -6.10 5.74 18.54
C ALA A 231 -7.54 5.43 18.16
N ARG A 232 -8.40 5.21 19.17
CA ARG A 232 -9.82 4.92 18.94
C ARG A 232 -10.47 6.06 18.14
N CYS A 233 -10.25 7.34 18.51
CA CYS A 233 -10.96 8.38 17.74
C CYS A 233 -10.38 8.56 16.33
N LEU A 234 -9.09 8.31 16.17
CA LEU A 234 -8.53 8.30 14.82
C LEU A 234 -9.17 7.22 13.97
N ILE A 235 -9.28 6.02 14.49
CA ILE A 235 -9.94 4.93 13.73
C ILE A 235 -11.36 5.37 13.35
N ARG A 236 -12.10 5.87 14.34
CA ARG A 236 -13.48 6.32 14.14
C ARG A 236 -13.59 7.46 13.13
N SER A 237 -12.61 8.36 13.13
CA SER A 237 -12.55 9.47 12.18
C SER A 237 -12.24 9.03 10.74
N LEU A 238 -11.68 7.84 10.57
CA LEU A 238 -11.43 7.27 9.22
C LEU A 238 -12.57 6.38 8.77
N LEU A 239 -13.15 5.61 9.69
CA LEU A 239 -14.26 4.70 9.33
C LEU A 239 -15.64 5.34 9.57
N ARG A 240 -15.81 6.57 9.11
CA ARG A 240 -17.10 7.24 9.11
C ARG A 240 -17.83 6.74 7.85
N ARG A 241 -19.11 6.43 8.00
CA ARG A 241 -19.94 5.93 6.89
C ARG A 241 -20.03 6.91 5.77
N GLU A 242 -20.23 8.19 6.14
CA GLU A 242 -20.36 9.26 5.16
C GLU A 242 -18.98 9.70 4.71
N PRO A 243 -18.65 9.50 3.41
CA PRO A 243 -17.29 9.82 2.95
C PRO A 243 -16.83 11.25 3.24
N SER A 244 -17.75 12.20 3.16
CA SER A 244 -17.40 13.61 3.37
C SER A 244 -17.01 13.88 4.82
N GLU A 245 -17.43 13.02 5.75
CA GLU A 245 -17.09 13.17 7.17
C GLU A 245 -15.69 12.65 7.57
N ARG A 246 -15.02 11.90 6.69
CA ARG A 246 -13.72 11.31 7.04
C ARG A 246 -12.62 12.36 7.02
N LEU A 247 -11.55 12.14 7.77
CA LEU A 247 -10.35 12.96 7.59
C LEU A 247 -9.81 12.81 6.18
N THR A 248 -9.21 13.87 5.66
CA THR A 248 -8.35 13.74 4.47
C THR A 248 -7.03 13.15 4.93
N ALA A 249 -6.30 12.54 3.99
CA ALA A 249 -5.00 11.97 4.30
C ALA A 249 -4.00 12.99 4.86
N PRO A 250 -3.94 14.20 4.27
CA PRO A 250 -3.14 15.25 4.90
C PRO A 250 -3.52 15.55 6.35
N GLU A 251 -4.81 15.61 6.64
CA GLU A 251 -5.27 15.88 8.01
C GLU A 251 -4.88 14.77 8.98
N ILE A 252 -4.77 13.52 8.50
CA ILE A 252 -4.43 12.40 9.39
C ILE A 252 -3.06 12.60 10.05
N LEU A 253 -2.12 13.16 9.28
CA LEU A 253 -0.73 13.31 9.69
C LEU A 253 -0.56 14.22 10.88
N LEU A 254 -1.53 15.13 11.07
CA LEU A 254 -1.52 16.06 12.20
C LEU A 254 -2.38 15.58 13.37
N HIS A 255 -2.86 14.33 13.33
CA HIS A 255 -3.73 13.82 14.39
C HIS A 255 -2.87 13.57 15.65
N PRO A 256 -3.33 14.01 16.85
CA PRO A 256 -2.56 13.87 18.10
C PRO A 256 -2.07 12.47 18.49
N TRP A 257 -2.72 11.43 18.03
CA TRP A 257 -2.24 10.07 18.27
C TRP A 257 -0.76 9.86 17.98
N PHE A 258 -0.31 10.26 16.81
CA PHE A 258 1.10 10.07 16.43
C PHE A 258 2.05 10.66 17.49
N GLU A 259 1.90 11.93 17.80
CA GLU A 259 2.72 12.56 18.85
C GLU A 259 2.62 11.87 20.22
N SER A 260 1.41 11.45 20.59
CA SER A 260 1.16 10.83 21.91
C SER A 260 1.98 9.57 22.14
N VAL A 261 2.32 8.83 21.07
CA VAL A 261 3.07 7.57 21.23
C VAL A 261 4.47 7.62 20.59
N LEU A 262 4.77 8.67 19.82
CA LEU A 262 6.07 8.79 19.15
C LEU A 262 6.83 9.92 19.82
N ILE A 277 15.22 11.97 -7.88
CA ILE A 277 14.37 11.63 -9.01
C ILE A 277 14.73 10.23 -9.53
N VAL A 278 13.71 9.46 -9.90
CA VAL A 278 13.93 8.15 -10.52
C VAL A 278 14.27 8.45 -11.99
N PRO A 279 15.46 8.06 -12.46
CA PRO A 279 15.79 8.39 -13.84
C PRO A 279 15.12 7.47 -14.84
N GLU A 280 14.85 8.02 -16.02
CA GLU A 280 14.28 7.29 -17.16
C GLU A 280 15.21 7.40 -18.35
N TYR A 281 15.68 6.26 -18.83
CA TYR A 281 16.59 6.21 -19.94
C TYR A 281 15.91 5.57 -21.13
N GLN A 282 16.14 6.12 -22.30
CA GLN A 282 15.69 5.52 -23.54
C GLN A 282 16.71 4.44 -23.97
N GLU A 283 16.21 3.36 -24.59
CA GLU A 283 17.05 2.42 -25.38
C GLU A 283 16.38 2.03 -26.71
N ASP A 284 17.16 1.42 -27.60
CA ASP A 284 16.59 0.88 -28.86
C ASP A 284 15.75 -0.37 -28.60
S SO4 B . -4.65 -7.09 3.84
O1 SO4 B . -5.78 -7.64 3.05
O2 SO4 B . -4.89 -5.69 4.25
O3 SO4 B . -3.39 -7.14 3.03
O4 SO4 B . -4.56 -7.87 5.06
S SO4 C . 7.22 11.41 -22.58
O1 SO4 C . 7.45 11.86 -23.97
O2 SO4 C . 5.77 11.22 -22.36
O3 SO4 C . 7.93 10.14 -22.33
O4 SO4 C . 7.75 12.44 -21.64
S SO4 D . -15.67 3.50 20.75
O1 SO4 D . -14.75 2.57 20.05
O2 SO4 D . -15.84 4.73 19.95
O3 SO4 D . -16.98 2.84 20.91
O4 SO4 D . -15.11 3.85 22.06
S SO4 E . -20.80 7.44 11.77
O1 SO4 E . -20.95 8.90 11.53
O2 SO4 E . -20.35 6.74 10.55
O3 SO4 E . -22.11 6.89 12.18
O4 SO4 E . -19.79 7.25 12.84
#